data_4WYU
#
_entry.id   4WYU
#
_cell.length_a   37.270
_cell.length_b   78.430
_cell.length_c   94.080
_cell.angle_alpha   90.000
_cell.angle_beta   99.510
_cell.angle_gamma   90.000
#
_symmetry.space_group_name_H-M   'P 1 21 1'
#
loop_
_entity.id
_entity.type
_entity.pdbx_description
1 polymer 'Protein scribble homolog'
2 polymer 'peptide SER-TRP-PHE-GLN-THR-ASP-LEU'
3 non-polymer 'IODIDE ION'
4 water water
#
loop_
_entity_poly.entity_id
_entity_poly.type
_entity_poly.pdbx_seq_one_letter_code
_entity_poly.pdbx_strand_id
1 'polypeptide(L)'
;LAAALEGPYPVEEIRLPRAGGPLGLSIVGGSDHSSHPFGVQEPGVFISKVLPRGLAARSGLRVGDRILAVNGQDVRDATH
QEAVSALLRPCLELSLLVRRDPAPPGLRELCIQKAPGERLGISIRGGARGHAGNPRDPTDEGIFISKVSPTGAAGRDGRL
RVGLRLLEVNQQSLLGLTHGEAVQLLRSVGDTLTVLVCDGFEASTDAALEVS
;
A,B
2 'polypeptide(L)' SWFQTDL D,C
#
# COMPACT_ATOMS: atom_id res chain seq x y z
N ALA A 2 5.30 -17.05 -0.89
CA ALA A 2 3.92 -16.57 -0.83
C ALA A 2 3.61 -15.60 -1.97
N ALA A 3 2.74 -16.03 -2.87
CA ALA A 3 2.24 -15.20 -3.96
C ALA A 3 0.92 -15.80 -4.46
N ALA A 4 -0.26 -15.40 -3.95
CA ALA A 4 -0.57 -14.26 -3.05
C ALA A 4 -0.25 -12.90 -3.68
N LEU A 5 0.25 -12.92 -4.90
CA LEU A 5 0.38 -11.73 -5.73
C LEU A 5 -0.47 -11.94 -6.97
N GLU A 6 -0.72 -10.87 -7.72
CA GLU A 6 -1.53 -10.93 -8.94
C GLU A 6 -2.90 -11.57 -8.69
N GLY A 7 -3.48 -11.29 -7.54
CA GLY A 7 -4.82 -11.78 -7.23
C GLY A 7 -5.87 -10.80 -7.72
N PRO A 8 -7.13 -11.04 -7.33
CA PRO A 8 -8.24 -10.13 -7.70
C PRO A 8 -8.01 -8.73 -7.16
N TYR A 9 -7.42 -8.64 -5.98
CA TYR A 9 -7.14 -7.37 -5.33
C TYR A 9 -5.69 -7.30 -4.87
N PRO A 10 -5.11 -6.10 -4.84
CA PRO A 10 -3.69 -5.96 -4.47
C PRO A 10 -3.44 -6.18 -2.99
N VAL A 11 -2.23 -6.65 -2.66
CA VAL A 11 -1.83 -6.82 -1.27
C VAL A 11 -0.93 -5.67 -0.83
N GLU A 12 -0.81 -5.49 0.48
CA GLU A 12 0.02 -4.42 1.03
C GLU A 12 0.37 -4.69 2.49
N GLU A 13 1.63 -4.46 2.84
CA GLU A 13 2.07 -4.60 4.22
C GLU A 13 1.85 -3.31 5.00
N ILE A 14 0.97 -3.37 6.00
CA ILE A 14 0.70 -2.20 6.83
C ILE A 14 1.31 -2.37 8.21
N ARG A 15 2.13 -1.40 8.62
CA ARG A 15 2.78 -1.43 9.93
C ARG A 15 2.00 -0.59 10.93
N LEU A 16 1.65 -1.21 12.06
CA LEU A 16 1.02 -0.49 13.16
C LEU A 16 2.00 -0.37 14.33
N PRO A 17 2.19 0.86 14.83
CA PRO A 17 3.10 1.07 15.96
C PRO A 17 2.55 0.47 17.25
N ARG A 18 3.43 -0.07 18.08
CA ARG A 18 3.02 -0.65 19.36
C ARG A 18 3.56 0.18 20.52
N ALA A 19 2.89 1.29 20.81
CA ALA A 19 3.32 2.20 21.87
C ALA A 19 2.26 2.32 22.95
N GLY A 20 1.58 1.21 23.23
CA GLY A 20 0.50 1.20 24.20
C GLY A 20 -0.82 1.52 23.54
N GLY A 21 -1.92 1.04 24.13
CA GLY A 21 -3.24 1.28 23.60
C GLY A 21 -3.70 0.18 22.65
N PRO A 22 -4.98 0.21 22.27
CA PRO A 22 -5.59 -0.81 21.40
C PRO A 22 -5.39 -0.51 19.91
N LEU A 23 -5.54 -1.54 19.08
CA LEU A 23 -5.40 -1.39 17.63
C LEU A 23 -6.57 -0.62 17.05
N GLY A 24 -7.73 -0.72 17.69
CA GLY A 24 -8.92 -0.04 17.21
C GLY A 24 -9.49 -0.74 15.99
N LEU A 25 -9.38 -2.06 15.97
CA LEU A 25 -9.95 -2.87 14.89
C LEU A 25 -10.65 -4.10 15.45
N SER A 26 -11.49 -4.71 14.61
CA SER A 26 -12.14 -5.96 14.98
C SER A 26 -12.00 -6.96 13.84
N ILE A 27 -11.85 -8.23 14.18
CA ILE A 27 -11.71 -9.26 13.16
C ILE A 27 -12.81 -10.32 13.27
N VAL A 28 -13.25 -10.80 12.12
CA VAL A 28 -14.15 -11.94 12.04
C VAL A 28 -13.50 -12.99 11.16
N GLY A 29 -14.04 -14.20 11.18
CA GLY A 29 -13.55 -15.25 10.33
C GLY A 29 -12.52 -16.15 11.00
N GLY A 30 -11.79 -16.89 10.17
CA GLY A 30 -10.95 -17.97 10.65
C GLY A 30 -11.49 -19.25 10.02
N SER A 31 -10.61 -20.21 9.79
CA SER A 31 -10.99 -21.44 9.09
C SER A 31 -12.07 -22.22 9.84
N ASP A 32 -12.16 -22.02 11.15
CA ASP A 32 -13.13 -22.71 11.97
C ASP A 32 -14.46 -21.95 12.07
N HIS A 33 -14.55 -20.83 11.35
CA HIS A 33 -15.74 -19.99 11.38
C HIS A 33 -16.34 -19.75 10.02
N SER A 34 -17.57 -19.24 10.00
CA SER A 34 -18.18 -18.72 8.80
C SER A 34 -18.07 -17.20 8.84
N SER A 35 -17.54 -16.59 7.78
CA SER A 35 -17.27 -15.17 7.79
C SER A 35 -18.16 -14.37 6.85
N HIS A 36 -19.34 -14.91 6.54
CA HIS A 36 -20.34 -14.16 5.79
C HIS A 36 -20.63 -12.83 6.47
N PRO A 37 -20.72 -11.74 5.68
CA PRO A 37 -20.62 -11.69 4.22
C PRO A 37 -19.20 -11.41 3.70
N PHE A 38 -18.20 -11.51 4.56
CA PHE A 38 -16.81 -11.35 4.13
C PHE A 38 -16.29 -12.64 3.48
N GLY A 39 -15.79 -12.53 2.25
CA GLY A 39 -15.22 -13.65 1.54
C GLY A 39 -16.08 -14.90 1.34
N VAL A 40 -17.27 -14.70 0.80
CA VAL A 40 -18.22 -15.80 0.63
C VAL A 40 -17.71 -17.04 -0.10
N GLN A 41 -16.82 -16.84 -1.07
CA GLN A 41 -16.25 -17.96 -1.82
C GLN A 41 -14.88 -18.32 -1.27
N GLU A 42 -14.17 -17.33 -0.76
CA GLU A 42 -12.82 -17.53 -0.23
C GLU A 42 -12.76 -17.15 1.25
N PRO A 43 -12.82 -18.15 2.14
CA PRO A 43 -12.79 -17.93 3.59
C PRO A 43 -11.44 -17.41 4.08
N GLY A 44 -11.44 -16.79 5.25
CA GLY A 44 -10.21 -16.27 5.84
C GLY A 44 -10.46 -15.37 7.02
N VAL A 45 -9.47 -14.56 7.37
CA VAL A 45 -9.60 -13.60 8.46
C VAL A 45 -9.79 -12.20 7.88
N PHE A 46 -10.79 -11.48 8.39
CA PHE A 46 -11.14 -10.19 7.81
C PHE A 46 -11.26 -9.09 8.86
N ILE A 47 -10.83 -7.89 8.49
CA ILE A 47 -11.10 -6.71 9.28
C ILE A 47 -12.57 -6.34 9.13
N SER A 48 -13.33 -6.54 10.21
CA SER A 48 -14.77 -6.33 10.16
C SER A 48 -15.18 -4.96 10.67
N LYS A 49 -14.25 -4.29 11.34
CA LYS A 49 -14.55 -3.02 12.01
C LYS A 49 -13.28 -2.23 12.29
N VAL A 50 -13.25 -0.99 11.82
CA VAL A 50 -12.14 -0.10 12.11
C VAL A 50 -12.63 1.12 12.89
N LEU A 51 -12.14 1.27 14.11
CA LEU A 51 -12.54 2.38 14.96
C LEU A 51 -12.02 3.72 14.46
N PRO A 52 -12.94 4.68 14.28
CA PRO A 52 -12.61 6.03 13.82
C PRO A 52 -12.41 7.04 14.97
N ARG A 53 -11.26 7.69 14.99
CA ARG A 53 -10.17 7.39 14.06
C ARG A 53 -8.96 6.92 14.85
N GLY A 54 -8.93 5.63 15.16
CA GLY A 54 -7.91 5.07 16.00
C GLY A 54 -6.66 4.62 15.26
N LEU A 55 -5.91 3.73 15.89
CA LEU A 55 -4.63 3.27 15.38
C LEU A 55 -4.76 2.61 14.00
N ALA A 56 -5.70 1.68 13.87
CA ALA A 56 -5.92 0.97 12.61
C ALA A 56 -6.33 1.92 11.50
N ALA A 57 -7.19 2.88 11.84
CA ALA A 57 -7.69 3.84 10.87
C ALA A 57 -6.57 4.71 10.30
N ARG A 58 -5.74 5.27 11.17
CA ARG A 58 -4.65 6.14 10.77
C ARG A 58 -3.61 5.40 9.94
N SER A 59 -3.49 4.10 10.17
CA SER A 59 -2.49 3.29 9.47
C SER A 59 -2.93 2.91 8.06
N GLY A 60 -4.21 3.09 7.76
CA GLY A 60 -4.72 2.83 6.42
C GLY A 60 -5.51 1.53 6.31
N LEU A 61 -5.73 0.87 7.44
CA LEU A 61 -6.54 -0.34 7.44
C LEU A 61 -8.02 -0.01 7.22
N ARG A 62 -8.68 -0.82 6.41
CA ARG A 62 -10.07 -0.58 6.05
C ARG A 62 -10.94 -1.81 6.30
N VAL A 63 -12.23 -1.56 6.53
CA VAL A 63 -13.19 -2.65 6.70
C VAL A 63 -13.29 -3.49 5.44
N GLY A 64 -13.07 -4.79 5.57
CA GLY A 64 -13.11 -5.69 4.44
C GLY A 64 -11.74 -6.28 4.13
N ASP A 65 -10.71 -5.70 4.72
CA ASP A 65 -9.34 -6.18 4.52
C ASP A 65 -9.17 -7.63 4.94
N ARG A 66 -8.61 -8.42 4.03
CA ARG A 66 -8.29 -9.81 4.31
C ARG A 66 -6.85 -9.93 4.82
N ILE A 67 -6.68 -10.45 6.03
CA ILE A 67 -5.36 -10.58 6.61
C ILE A 67 -4.68 -11.86 6.12
N LEU A 68 -3.55 -11.70 5.43
CA LEU A 68 -2.82 -12.84 4.89
C LEU A 68 -1.69 -13.27 5.82
N ALA A 69 -1.02 -12.31 6.43
CA ALA A 69 0.11 -12.61 7.31
C ALA A 69 0.22 -11.62 8.47
N VAL A 70 0.59 -12.15 9.63
CA VAL A 70 0.79 -11.33 10.82
C VAL A 70 2.24 -11.44 11.29
N ASN A 71 2.99 -10.36 11.12
CA ASN A 71 4.42 -10.33 11.46
C ASN A 71 5.19 -11.47 10.80
N GLY A 72 4.93 -11.70 9.52
CA GLY A 72 5.62 -12.73 8.77
C GLY A 72 4.96 -14.10 8.87
N GLN A 73 4.02 -14.23 9.79
CA GLN A 73 3.33 -15.51 10.02
C GLN A 73 2.08 -15.64 9.17
N ASP A 74 2.08 -16.61 8.25
CA ASP A 74 0.92 -16.89 7.42
C ASP A 74 -0.28 -17.24 8.28
N VAL A 75 -1.41 -16.59 8.02
CA VAL A 75 -2.62 -16.81 8.80
C VAL A 75 -3.84 -17.07 7.91
N ARG A 76 -3.58 -17.38 6.64
CA ARG A 76 -4.66 -17.62 5.67
C ARG A 76 -5.54 -18.80 6.07
N ASP A 77 -4.98 -19.74 6.83
CA ASP A 77 -5.72 -20.91 7.27
C ASP A 77 -5.84 -20.96 8.79
N ALA A 78 -5.40 -19.89 9.45
CA ALA A 78 -5.44 -19.82 10.91
C ALA A 78 -6.86 -19.84 11.43
N THR A 79 -7.06 -20.51 12.56
CA THR A 79 -8.34 -20.48 13.25
C THR A 79 -8.55 -19.08 13.82
N HIS A 80 -9.76 -18.80 14.28
CA HIS A 80 -10.08 -17.47 14.81
C HIS A 80 -9.18 -17.10 15.99
N GLN A 81 -8.83 -18.08 16.80
CA GLN A 81 -8.03 -17.82 18.00
C GLN A 81 -6.54 -17.80 17.69
N GLU A 82 -6.13 -18.53 16.66
CA GLU A 82 -4.75 -18.47 16.20
C GLU A 82 -4.46 -17.09 15.65
N ALA A 83 -5.46 -16.50 14.98
CA ALA A 83 -5.33 -15.16 14.43
C ALA A 83 -5.32 -14.12 15.54
N VAL A 84 -6.24 -14.24 16.48
CA VAL A 84 -6.35 -13.30 17.59
C VAL A 84 -5.06 -13.26 18.42
N SER A 85 -4.55 -14.44 18.77
CA SER A 85 -3.34 -14.54 19.58
C SER A 85 -2.13 -13.94 18.85
N ALA A 86 -2.07 -14.13 17.54
CA ALA A 86 -1.00 -13.58 16.73
C ALA A 86 -1.02 -12.06 16.75
N LEU A 87 -2.22 -11.49 16.76
CA LEU A 87 -2.40 -10.04 16.77
C LEU A 87 -2.16 -9.46 18.16
N LEU A 88 -2.09 -10.32 19.17
CA LEU A 88 -1.94 -9.87 20.55
C LEU A 88 -0.54 -10.15 21.08
N ARG A 89 0.24 -10.91 20.31
CA ARG A 89 1.60 -11.27 20.71
C ARG A 89 2.49 -10.04 20.75
N PRO A 90 3.24 -9.87 21.87
CA PRO A 90 4.19 -8.77 22.03
C PRO A 90 5.19 -8.68 20.89
N CYS A 91 5.27 -7.51 20.26
CA CYS A 91 6.19 -7.27 19.17
C CYS A 91 6.54 -5.79 19.10
N LEU A 92 7.73 -5.49 18.62
CA LEU A 92 8.19 -4.10 18.50
C LEU A 92 7.29 -3.30 17.58
N GLU A 93 6.78 -3.98 16.55
CA GLU A 93 5.93 -3.35 15.56
C GLU A 93 5.03 -4.40 14.94
N LEU A 94 3.77 -4.05 14.70
CA LEU A 94 2.82 -5.01 14.12
C LEU A 94 2.77 -4.90 12.61
N SER A 95 3.26 -5.93 11.92
CA SER A 95 3.22 -5.97 10.47
C SER A 95 2.06 -6.81 9.98
N LEU A 96 1.18 -6.19 9.18
CA LEU A 96 0.02 -6.90 8.63
C LEU A 96 0.08 -6.94 7.11
N LEU A 97 0.27 -8.12 6.55
CA LEU A 97 0.09 -8.31 5.12
C LEU A 97 -1.39 -8.51 4.83
N VAL A 98 -2.03 -7.49 4.26
CA VAL A 98 -3.46 -7.57 4.00
C VAL A 98 -3.76 -7.49 2.50
N ARG A 99 -4.88 -8.08 2.10
CA ARG A 99 -5.35 -7.97 0.73
C ARG A 99 -6.58 -7.07 0.72
N ARG A 100 -6.60 -6.11 -0.21
CA ARG A 100 -7.63 -5.08 -0.22
C ARG A 100 -8.96 -5.55 -0.79
N ASP A 101 -9.55 -6.57 -0.17
CA ASP A 101 -10.88 -7.01 -0.54
C ASP A 101 -11.90 -5.94 -0.16
N PRO A 102 -12.96 -5.79 -0.99
CA PRO A 102 -13.96 -4.76 -0.71
C PRO A 102 -14.87 -5.12 0.45
N ALA A 103 -15.37 -4.12 1.15
CA ALA A 103 -16.37 -4.33 2.18
C ALA A 103 -17.64 -4.86 1.54
N PRO A 104 -18.43 -5.66 2.28
CA PRO A 104 -19.69 -6.20 1.74
C PRO A 104 -20.61 -5.10 1.24
N PRO A 105 -21.19 -5.29 0.04
CA PRO A 105 -22.03 -4.28 -0.62
C PRO A 105 -23.21 -3.82 0.22
N GLY A 106 -23.46 -2.52 0.23
CA GLY A 106 -24.58 -1.96 0.95
C GLY A 106 -24.35 -1.85 2.45
N LEU A 107 -23.09 -1.96 2.86
CA LEU A 107 -22.75 -1.85 4.28
C LEU A 107 -23.04 -0.44 4.79
N ARG A 108 -23.93 -0.36 5.78
CA ARG A 108 -24.34 0.92 6.34
C ARG A 108 -24.97 0.73 7.71
N GLU A 109 -24.81 1.72 8.58
CA GLU A 109 -25.40 1.66 9.91
C GLU A 109 -26.71 2.43 9.94
N LEU A 110 -27.73 1.84 10.55
CA LEU A 110 -29.03 2.49 10.66
C LEU A 110 -29.39 2.78 12.10
N CYS A 111 -29.79 4.01 12.38
CA CYS A 111 -30.32 4.37 13.68
C CYS A 111 -31.83 4.57 13.56
N ILE A 112 -32.59 3.69 14.20
CA ILE A 112 -34.03 3.71 14.09
C ILE A 112 -34.69 4.08 15.41
N GLN A 113 -35.55 5.09 15.37
CA GLN A 113 -36.23 5.55 16.57
C GLN A 113 -37.60 4.91 16.74
N LYS A 114 -37.87 4.45 17.95
CA LYS A 114 -39.19 3.93 18.30
C LYS A 114 -39.83 4.86 19.32
N ALA A 115 -41.05 5.30 19.03
CA ALA A 115 -41.84 6.05 19.99
C ALA A 115 -42.15 5.14 21.17
N PRO A 116 -42.41 5.73 22.36
CA PRO A 116 -42.76 4.88 23.50
C PRO A 116 -44.03 4.08 23.25
N GLY A 117 -43.94 2.76 23.38
CA GLY A 117 -45.08 1.89 23.15
C GLY A 117 -45.14 1.37 21.72
N GLU A 118 -44.34 1.96 20.84
CA GLU A 118 -44.30 1.56 19.44
C GLU A 118 -43.40 0.35 19.23
N ARG A 119 -43.90 -0.66 18.51
CA ARG A 119 -43.12 -1.85 18.23
C ARG A 119 -42.36 -1.71 16.91
N LEU A 120 -41.37 -2.59 16.72
CA LEU A 120 -40.49 -2.52 15.56
C LEU A 120 -41.22 -2.95 14.28
N GLY A 121 -41.97 -4.04 14.37
CA GLY A 121 -42.79 -4.50 13.25
C GLY A 121 -42.04 -5.26 12.18
N ILE A 122 -41.09 -6.10 12.58
CA ILE A 122 -40.36 -6.94 11.64
C ILE A 122 -40.22 -8.37 12.13
N SER A 123 -39.90 -9.27 11.22
CA SER A 123 -39.52 -10.64 11.58
C SER A 123 -38.28 -11.02 10.77
N ILE A 124 -37.46 -11.90 11.35
CA ILE A 124 -36.20 -12.28 10.71
C ILE A 124 -36.15 -13.77 10.43
N ARG A 125 -35.22 -14.17 9.56
CA ARG A 125 -35.04 -15.57 9.22
C ARG A 125 -33.56 -15.94 9.22
N GLY A 126 -33.28 -17.23 9.36
CA GLY A 126 -31.91 -17.72 9.34
C GLY A 126 -31.32 -17.93 10.72
N GLY A 127 -30.02 -17.70 10.83
CA GLY A 127 -29.32 -17.89 12.10
C GLY A 127 -28.52 -19.16 12.13
N ALA A 128 -27.56 -19.23 13.04
CA ALA A 128 -26.74 -20.42 13.21
C ALA A 128 -27.60 -21.61 13.58
N ARG A 129 -27.43 -22.71 12.84
CA ARG A 129 -28.13 -23.96 13.08
C ARG A 129 -29.65 -23.81 12.97
N GLY A 130 -30.09 -22.90 12.11
CA GLY A 130 -31.50 -22.70 11.87
C GLY A 130 -31.89 -23.15 10.47
N HIS A 131 -32.97 -22.58 9.95
CA HIS A 131 -33.37 -22.85 8.57
C HIS A 131 -32.77 -21.78 7.66
N ALA A 132 -32.33 -22.20 6.48
CA ALA A 132 -31.64 -21.31 5.55
C ALA A 132 -32.42 -20.03 5.26
N GLY A 133 -31.88 -18.90 5.69
CA GLY A 133 -32.51 -17.61 5.49
C GLY A 133 -32.19 -17.01 4.15
N ASN A 134 -31.27 -17.64 3.43
CA ASN A 134 -30.84 -17.15 2.13
C ASN A 134 -31.14 -18.15 1.02
N PRO A 135 -32.17 -17.87 0.21
CA PRO A 135 -32.64 -18.74 -0.88
C PRO A 135 -31.55 -19.02 -1.92
N ARG A 136 -30.60 -18.11 -2.06
CA ARG A 136 -29.55 -18.26 -3.05
C ARG A 136 -28.40 -19.12 -2.52
N ASP A 137 -28.31 -19.23 -1.19
CA ASP A 137 -27.20 -19.91 -0.57
C ASP A 137 -27.59 -20.59 0.75
N PRO A 138 -27.74 -21.92 0.73
CA PRO A 138 -28.15 -22.69 1.91
C PRO A 138 -27.03 -22.98 2.90
N THR A 139 -25.80 -22.58 2.57
CA THR A 139 -24.69 -22.71 3.51
C THR A 139 -24.61 -21.47 4.39
N ASP A 140 -25.31 -20.43 3.95
CA ASP A 140 -25.32 -19.14 4.66
C ASP A 140 -26.24 -19.22 5.87
N GLU A 141 -25.65 -19.07 7.06
CA GLU A 141 -26.42 -19.11 8.30
C GLU A 141 -26.55 -17.72 8.90
N GLY A 142 -26.70 -16.71 8.05
CA GLY A 142 -26.83 -15.34 8.50
C GLY A 142 -28.26 -14.97 8.88
N ILE A 143 -28.44 -13.74 9.36
CA ILE A 143 -29.75 -13.25 9.75
C ILE A 143 -30.26 -12.24 8.73
N PHE A 144 -31.45 -12.49 8.19
CA PHE A 144 -32.04 -11.61 7.18
C PHE A 144 -33.43 -11.14 7.58
N ILE A 145 -33.78 -9.94 7.14
CA ILE A 145 -35.13 -9.43 7.31
C ILE A 145 -36.08 -10.20 6.40
N SER A 146 -37.09 -10.83 6.98
CA SER A 146 -38.03 -11.62 6.22
C SER A 146 -39.33 -10.86 5.96
N LYS A 147 -39.78 -10.10 6.97
CA LYS A 147 -41.00 -9.31 6.83
C LYS A 147 -40.83 -7.93 7.46
N VAL A 148 -41.52 -6.94 6.89
CA VAL A 148 -41.60 -5.60 7.46
C VAL A 148 -43.03 -5.12 7.47
N SER A 149 -43.56 -4.81 8.65
CA SER A 149 -44.89 -4.23 8.76
C SER A 149 -44.85 -2.77 8.34
N PRO A 150 -45.78 -2.35 7.48
CA PRO A 150 -45.81 -0.99 6.94
C PRO A 150 -46.05 0.08 8.01
N THR A 151 -46.67 -0.30 9.11
CA THR A 151 -47.07 0.65 10.13
C THR A 151 -46.17 0.65 11.37
N GLY A 152 -45.26 -0.32 11.44
CA GLY A 152 -44.34 -0.40 12.55
C GLY A 152 -43.24 0.65 12.45
N ALA A 153 -42.33 0.65 13.42
CA ALA A 153 -41.24 1.63 13.45
C ALA A 153 -40.32 1.48 12.25
N ALA A 154 -39.99 0.24 11.90
CA ALA A 154 -39.13 -0.03 10.76
C ALA A 154 -39.81 0.37 9.46
N GLY A 155 -41.10 0.08 9.35
CA GLY A 155 -41.87 0.45 8.18
C GLY A 155 -41.94 1.96 8.00
N ARG A 156 -42.22 2.66 9.09
CA ARG A 156 -42.28 4.13 9.11
CA ARG A 156 -42.31 4.12 9.01
C ARG A 156 -40.94 4.75 8.76
N ASP A 157 -39.89 4.11 9.26
CA ASP A 157 -38.52 4.59 9.01
C ASP A 157 -38.19 4.46 7.53
N GLY A 158 -38.53 3.31 6.96
CA GLY A 158 -38.44 3.11 5.52
C GLY A 158 -37.18 2.45 5.02
N ARG A 159 -36.14 2.44 5.85
CA ARG A 159 -34.82 1.98 5.40
C ARG A 159 -34.62 0.47 5.52
N LEU A 160 -35.17 -0.14 6.58
CA LEU A 160 -35.17 -1.60 6.66
C LEU A 160 -36.13 -2.18 5.63
N ARG A 161 -35.69 -3.22 4.94
CA ARG A 161 -36.53 -3.89 3.96
C ARG A 161 -36.23 -5.38 3.91
N VAL A 162 -37.14 -6.14 3.30
CA VAL A 162 -36.97 -7.58 3.14
C VAL A 162 -35.72 -7.89 2.33
N GLY A 163 -34.88 -8.78 2.83
CA GLY A 163 -33.69 -9.20 2.11
C GLY A 163 -32.39 -8.78 2.75
N LEU A 164 -32.42 -7.64 3.46
CA LEU A 164 -31.22 -7.11 4.10
C LEU A 164 -30.65 -8.08 5.14
N ARG A 165 -29.32 -8.17 5.16
CA ARG A 165 -28.63 -8.96 6.17
C ARG A 165 -28.37 -8.12 7.40
N LEU A 166 -28.68 -8.68 8.57
CA LEU A 166 -28.39 -8.00 9.83
C LEU A 166 -27.02 -8.45 10.35
N LEU A 167 -26.19 -7.49 10.75
CA LEU A 167 -24.84 -7.81 11.17
C LEU A 167 -24.62 -7.60 12.67
N GLU A 168 -25.12 -6.48 13.20
CA GLU A 168 -25.07 -6.26 14.64
C GLU A 168 -26.19 -5.34 15.13
N VAL A 169 -26.56 -5.50 16.39
CA VAL A 169 -27.65 -4.75 17.00
C VAL A 169 -27.20 -4.11 18.30
N ASN A 170 -27.25 -2.78 18.35
CA ASN A 170 -26.75 -2.03 19.50
C ASN A 170 -25.33 -2.44 19.89
N GLN A 171 -24.43 -2.39 18.91
CA GLN A 171 -23.01 -2.72 19.10
C GLN A 171 -22.76 -4.19 19.42
N GLN A 172 -23.81 -5.00 19.46
CA GLN A 172 -23.67 -6.42 19.72
C GLN A 172 -23.75 -7.23 18.43
N SER A 173 -22.68 -7.95 18.12
CA SER A 173 -22.57 -8.68 16.86
C SER A 173 -23.55 -9.85 16.77
N LEU A 174 -24.11 -10.05 15.57
CA LEU A 174 -25.07 -11.12 15.35
C LEU A 174 -24.44 -12.35 14.72
N LEU A 175 -23.14 -12.26 14.40
CA LEU A 175 -22.42 -13.37 13.80
C LEU A 175 -22.44 -14.60 14.70
N GLY A 176 -22.71 -15.76 14.11
CA GLY A 176 -22.71 -17.01 14.84
C GLY A 176 -23.87 -17.19 15.80
N LEU A 177 -24.75 -16.19 15.85
CA LEU A 177 -25.91 -16.25 16.74
C LEU A 177 -27.08 -16.99 16.11
N THR A 178 -27.86 -17.67 16.94
CA THR A 178 -29.05 -18.37 16.47
C THR A 178 -30.18 -17.39 16.23
N HIS A 179 -31.25 -17.87 15.61
CA HIS A 179 -32.43 -17.06 15.33
C HIS A 179 -33.02 -16.48 16.61
N GLY A 180 -33.18 -17.33 17.63
CA GLY A 180 -33.74 -16.91 18.90
C GLY A 180 -32.86 -15.93 19.65
N GLU A 181 -31.55 -16.17 19.61
CA GLU A 181 -30.60 -15.26 20.25
C GLU A 181 -30.62 -13.90 19.59
N ALA A 182 -30.81 -13.89 18.27
CA ALA A 182 -30.90 -12.65 17.51
C ALA A 182 -32.21 -11.92 17.83
N VAL A 183 -33.28 -12.69 18.00
CA VAL A 183 -34.60 -12.12 18.27
C VAL A 183 -34.64 -11.41 19.63
N GLN A 184 -34.05 -12.04 20.64
CA GLN A 184 -34.04 -11.45 21.98
C GLN A 184 -33.18 -10.19 22.06
N LEU A 185 -32.20 -10.08 21.17
CA LEU A 185 -31.41 -8.87 21.07
C LEU A 185 -32.25 -7.72 20.49
N LEU A 186 -32.97 -8.02 19.41
CA LEU A 186 -33.79 -7.02 18.74
C LEU A 186 -34.97 -6.57 19.59
N ARG A 187 -35.44 -7.45 20.48
CA ARG A 187 -36.59 -7.15 21.33
C ARG A 187 -36.22 -6.28 22.53
N SER A 188 -35.02 -6.47 23.05
CA SER A 188 -34.57 -5.74 24.24
C SER A 188 -33.80 -4.48 23.86
N VAL A 189 -34.04 -3.97 22.67
CA VAL A 189 -33.23 -2.89 22.12
C VAL A 189 -33.58 -1.50 22.69
N GLY A 190 -34.81 -1.35 23.18
CA GLY A 190 -35.22 -0.08 23.77
C GLY A 190 -35.75 0.94 22.78
N ASP A 191 -35.63 2.22 23.15
CA ASP A 191 -36.18 3.32 22.36
C ASP A 191 -35.45 3.53 21.04
N THR A 192 -34.20 3.09 20.95
CA THR A 192 -33.38 3.36 19.78
C THR A 192 -32.66 2.11 19.27
N LEU A 193 -32.94 1.76 18.01
CA LEU A 193 -32.30 0.61 17.39
C LEU A 193 -31.17 1.03 16.46
N THR A 194 -29.94 0.82 16.91
CA THR A 194 -28.78 0.97 16.03
C THR A 194 -28.45 -0.38 15.44
N VAL A 195 -28.56 -0.52 14.12
CA VAL A 195 -28.34 -1.80 13.48
C VAL A 195 -27.37 -1.67 12.29
N LEU A 196 -26.41 -2.58 12.22
CA LEU A 196 -25.50 -2.65 11.10
C LEU A 196 -26.03 -3.65 10.08
N VAL A 197 -26.21 -3.19 8.85
CA VAL A 197 -26.76 -4.04 7.80
C VAL A 197 -25.93 -3.99 6.53
N CYS A 198 -26.22 -4.92 5.63
CA CYS A 198 -25.69 -4.90 4.28
C CYS A 198 -26.66 -5.67 3.40
N ASP A 199 -26.50 -5.55 2.08
CA ASP A 199 -27.37 -6.26 1.15
C ASP A 199 -27.20 -7.77 1.31
N GLY A 200 -28.32 -8.49 1.23
CA GLY A 200 -28.30 -9.93 1.43
C GLY A 200 -28.90 -10.69 0.26
N PHE A 201 -30.18 -10.44 -0.02
CA PHE A 201 -30.84 -11.07 -1.16
C PHE A 201 -32.07 -10.27 -1.57
N GLU A 202 -32.76 -10.75 -2.60
CA GLU A 202 -33.97 -10.09 -3.07
C GLU A 202 -35.16 -11.05 -3.10
N SER B 1 -19.79 -11.82 19.09
CA SER B 1 -19.21 -11.89 20.43
C SER B 1 -18.10 -12.93 20.48
N TRP B 2 -18.46 -14.20 20.29
CA TRP B 2 -17.45 -15.26 20.16
C TRP B 2 -16.90 -15.30 18.74
N PHE B 3 -17.56 -14.58 17.84
CA PHE B 3 -17.28 -14.67 16.42
C PHE B 3 -16.69 -13.38 15.87
N GLN B 4 -16.90 -12.28 16.59
CA GLN B 4 -16.19 -11.04 16.31
C GLN B 4 -15.38 -10.63 17.53
N THR B 5 -14.09 -10.38 17.31
CA THR B 5 -13.19 -10.02 18.41
C THR B 5 -12.66 -8.61 18.23
N ASP B 6 -12.86 -7.77 19.24
CA ASP B 6 -12.37 -6.40 19.20
C ASP B 6 -10.96 -6.33 19.79
N LEU B 7 -10.07 -5.62 19.11
CA LEU B 7 -8.68 -5.50 19.56
C LEU B 7 -8.21 -4.05 19.53
N ALA C 2 8.21 -16.29 0.11
CA ALA C 2 8.79 -15.45 -0.94
C ALA C 2 9.16 -14.08 -0.39
N ALA C 3 8.43 -13.62 0.63
CA ALA C 3 8.74 -12.38 1.31
C ALA C 3 9.44 -12.69 2.64
N ALA C 4 10.39 -11.89 3.15
CA ALA C 4 10.75 -10.49 2.85
C ALA C 4 9.66 -9.51 3.30
N LEU C 5 8.88 -9.93 4.29
CA LEU C 5 8.10 -9.01 5.11
C LEU C 5 8.99 -8.53 6.25
N GLU C 6 8.44 -7.69 7.12
CA GLU C 6 9.13 -7.26 8.34
C GLU C 6 10.53 -6.69 8.10
N GLY C 7 10.76 -6.15 6.91
CA GLY C 7 12.05 -5.55 6.59
C GLY C 7 12.13 -4.13 7.10
N PRO C 8 13.17 -3.39 6.67
CA PRO C 8 13.34 -2.00 7.06
C PRO C 8 12.17 -1.12 6.61
N TYR C 9 11.60 -1.47 5.46
CA TYR C 9 10.52 -0.68 4.87
C TYR C 9 9.38 -1.58 4.40
N PRO C 10 8.14 -1.07 4.45
CA PRO C 10 6.97 -1.86 4.07
C PRO C 10 6.91 -2.16 2.58
N VAL C 11 6.34 -3.31 2.23
CA VAL C 11 6.17 -3.67 0.82
C VAL C 11 4.73 -3.42 0.39
N GLU C 12 4.55 -3.19 -0.91
CA GLU C 12 3.21 -3.03 -1.47
C GLU C 12 3.16 -3.48 -2.91
N GLU C 13 2.07 -4.12 -3.29
CA GLU C 13 1.84 -4.47 -4.68
C GLU C 13 1.12 -3.34 -5.39
N ILE C 14 1.73 -2.82 -6.45
CA ILE C 14 1.13 -1.75 -7.23
C ILE C 14 0.78 -2.26 -8.63
N ARG C 15 -0.48 -2.08 -9.00
CA ARG C 15 -0.96 -2.50 -10.32
C ARG C 15 -0.90 -1.34 -11.31
N LEU C 16 -0.38 -1.61 -12.50
CA LEU C 16 -0.38 -0.62 -13.58
C LEU C 16 -1.18 -1.18 -14.76
N PRO C 17 -2.14 -0.39 -15.26
CA PRO C 17 -2.93 -0.84 -16.41
C PRO C 17 -2.09 -0.89 -17.67
N ARG C 18 -2.40 -1.83 -18.57
CA ARG C 18 -1.67 -1.95 -19.82
C ARG C 18 -2.61 -1.71 -21.00
N ALA C 19 -3.03 -0.47 -21.16
CA ALA C 19 -3.94 -0.10 -22.24
C ALA C 19 -3.21 0.66 -23.33
N GLY C 20 -1.90 0.47 -23.41
CA GLY C 20 -1.07 1.16 -24.37
C GLY C 20 -0.33 2.32 -23.73
N GLY C 21 0.74 2.77 -24.38
CA GLY C 21 1.54 3.85 -23.85
C GLY C 21 2.63 3.36 -22.91
N PRO C 22 3.64 4.19 -22.67
CA PRO C 22 4.77 3.83 -21.80
C PRO C 22 4.41 3.86 -20.32
N LEU C 23 5.23 3.23 -19.49
CA LEU C 23 4.97 3.13 -18.05
C LEU C 23 5.18 4.46 -17.33
N GLY C 24 6.07 5.29 -17.86
CA GLY C 24 6.38 6.56 -17.25
C GLY C 24 7.33 6.41 -16.07
N LEU C 25 8.22 5.43 -16.17
CA LEU C 25 9.19 5.19 -15.11
C LEU C 25 10.55 4.81 -15.68
N SER C 26 11.58 4.96 -14.85
CA SER C 26 12.93 4.52 -15.22
C SER C 26 13.48 3.61 -14.14
N ILE C 27 14.27 2.62 -14.54
CA ILE C 27 14.88 1.74 -13.57
C ILE C 27 16.40 1.73 -13.66
N VAL C 28 17.06 1.59 -12.51
CA VAL C 28 18.49 1.39 -12.45
C VAL C 28 18.76 0.13 -11.62
N GLY C 29 19.97 -0.38 -11.70
CA GLY C 29 20.35 -1.52 -10.89
C GLY C 29 20.29 -2.85 -11.63
N GLY C 30 20.33 -3.93 -10.85
CA GLY C 30 20.49 -5.26 -11.39
C GLY C 30 21.72 -5.87 -10.74
N SER C 31 21.85 -7.19 -10.81
CA SER C 31 22.97 -7.87 -10.18
C SER C 31 24.27 -7.63 -10.95
N ASP C 32 24.14 -7.29 -12.23
CA ASP C 32 25.29 -7.05 -13.09
C ASP C 32 25.62 -5.56 -13.15
N HIS C 33 25.01 -4.77 -12.27
CA HIS C 33 25.26 -3.34 -12.23
C HIS C 33 25.39 -2.90 -10.82
N SER C 34 25.73 -1.65 -10.63
CA SER C 34 25.66 -1.01 -9.35
C SER C 34 24.71 0.13 -9.54
N SER C 35 24.30 0.83 -8.50
CA SER C 35 23.33 1.88 -8.72
C SER C 35 23.29 3.02 -7.76
N HIS C 36 24.37 3.34 -7.12
CA HIS C 36 24.39 4.51 -6.23
C HIS C 36 23.78 5.73 -6.88
N PRO C 37 23.01 6.55 -6.17
CA PRO C 37 22.75 6.46 -4.72
C PRO C 37 21.68 5.46 -4.30
N PHE C 38 21.23 4.59 -5.21
CA PHE C 38 20.25 3.57 -4.84
C PHE C 38 20.92 2.25 -4.44
N GLY C 39 20.48 1.69 -3.32
CA GLY C 39 20.97 0.40 -2.87
C GLY C 39 22.45 0.38 -2.57
N VAL C 40 22.91 1.36 -1.80
CA VAL C 40 24.32 1.44 -1.42
C VAL C 40 24.70 0.27 -0.51
N GLN C 41 23.81 -0.06 0.42
CA GLN C 41 24.07 -1.14 1.38
C GLN C 41 23.58 -2.49 0.84
N GLU C 42 22.56 -2.46 0.00
CA GLU C 42 22.00 -3.68 -0.57
C GLU C 42 21.51 -3.44 -2.00
N PRO C 43 22.19 -4.04 -2.99
CA PRO C 43 21.89 -3.87 -4.40
C PRO C 43 20.55 -4.47 -4.83
N GLY C 44 20.03 -4.01 -5.96
CA GLY C 44 18.77 -4.50 -6.48
C GLY C 44 18.29 -3.66 -7.65
N VAL C 45 17.03 -3.85 -8.03
CA VAL C 45 16.41 -3.04 -9.09
C VAL C 45 15.58 -1.93 -8.48
N PHE C 46 15.86 -0.69 -8.88
CA PHE C 46 15.21 0.46 -8.27
C PHE C 46 14.53 1.35 -9.30
N ILE C 47 13.46 2.01 -8.89
CA ILE C 47 12.81 3.00 -9.73
C ILE C 47 13.50 4.34 -9.51
N SER C 48 14.19 4.83 -10.53
CA SER C 48 15.04 6.01 -10.41
C SER C 48 14.34 7.29 -10.85
N LYS C 49 13.43 7.18 -11.80
CA LYS C 49 12.69 8.35 -12.28
C LYS C 49 11.22 8.02 -12.51
N VAL C 50 10.35 8.88 -12.01
CA VAL C 50 8.91 8.74 -12.23
C VAL C 50 8.37 9.98 -12.94
N LEU C 51 7.88 9.78 -14.16
CA LEU C 51 7.33 10.88 -14.95
C LEU C 51 6.05 11.44 -14.33
N PRO C 52 6.00 12.76 -14.13
CA PRO C 52 4.83 13.44 -13.55
C PRO C 52 3.53 13.19 -14.31
N ARG C 53 2.48 12.83 -13.60
CA ARG C 53 1.18 12.48 -14.19
C ARG C 53 1.24 11.35 -15.21
N GLY C 54 2.39 10.69 -15.31
CA GLY C 54 2.51 9.55 -16.18
C GLY C 54 1.83 8.37 -15.53
N LEU C 55 1.94 7.20 -16.16
CA LEU C 55 1.23 6.02 -15.66
C LEU C 55 1.73 5.54 -14.30
N ALA C 56 3.04 5.57 -14.12
CA ALA C 56 3.64 5.12 -12.86
C ALA C 56 3.30 6.06 -11.71
N ALA C 57 3.27 7.37 -12.01
CA ALA C 57 2.97 8.37 -11.00
C ALA C 57 1.55 8.23 -10.46
N ARG C 58 0.59 8.05 -11.37
CA ARG C 58 -0.81 7.89 -10.99
C ARG C 58 -1.00 6.66 -10.10
N SER C 59 -0.26 5.60 -10.40
CA SER C 59 -0.39 4.34 -9.68
C SER C 59 0.23 4.40 -8.29
N GLY C 60 1.08 5.40 -8.06
CA GLY C 60 1.67 5.60 -6.74
C GLY C 60 3.09 5.10 -6.60
N LEU C 61 3.74 4.79 -7.72
CA LEU C 61 5.14 4.41 -7.69
C LEU C 61 5.99 5.64 -7.37
N ARG C 62 7.07 5.43 -6.62
CA ARG C 62 7.93 6.54 -6.20
C ARG C 62 9.39 6.28 -6.49
N VAL C 63 10.13 7.34 -6.79
CA VAL C 63 11.57 7.26 -6.96
C VAL C 63 12.21 6.71 -5.70
N GLY C 64 12.95 5.62 -5.84
CA GLY C 64 13.58 4.99 -4.70
C GLY C 64 12.97 3.64 -4.36
N ASP C 65 11.79 3.38 -4.92
CA ASP C 65 11.11 2.10 -4.73
C ASP C 65 11.97 0.95 -5.23
N ARG C 66 12.09 -0.09 -4.42
CA ARG C 66 12.86 -1.28 -4.78
C ARG C 66 11.92 -2.37 -5.32
N ILE C 67 12.14 -2.78 -6.56
CA ILE C 67 11.30 -3.79 -7.18
C ILE C 67 11.70 -5.19 -6.73
N LEU C 68 10.77 -5.89 -6.08
CA LEU C 68 11.01 -7.24 -5.59
C LEU C 68 10.49 -8.29 -6.54
N ALA C 69 9.31 -8.04 -7.12
CA ALA C 69 8.68 -9.00 -8.03
C ALA C 69 7.93 -8.32 -9.16
N VAL C 70 8.03 -8.90 -10.35
CA VAL C 70 7.27 -8.43 -11.51
C VAL C 70 6.33 -9.53 -11.98
N ASN C 71 5.04 -9.31 -11.80
CA ASN C 71 4.01 -10.31 -12.14
C ASN C 71 4.28 -11.66 -11.50
N GLY C 72 4.54 -11.66 -10.20
CA GLY C 72 4.78 -12.88 -9.46
C GLY C 72 6.22 -13.36 -9.54
N GLN C 73 6.96 -12.87 -10.54
CA GLN C 73 8.34 -13.29 -10.75
C GLN C 73 9.32 -12.54 -9.87
N ASP C 74 9.97 -13.25 -8.95
CA ASP C 74 11.02 -12.69 -8.11
C ASP C 74 12.13 -12.11 -8.98
N VAL C 75 12.51 -10.86 -8.70
CA VAL C 75 13.54 -10.19 -9.49
C VAL C 75 14.62 -9.55 -8.61
N ARG C 76 14.76 -10.06 -7.39
CA ARG C 76 15.74 -9.50 -6.46
C ARG C 76 17.18 -9.81 -6.87
N ASP C 77 17.39 -10.97 -7.49
CA ASP C 77 18.71 -11.36 -7.94
C ASP C 77 18.86 -11.19 -9.45
N ALA C 78 17.92 -10.45 -10.05
CA ALA C 78 17.86 -10.34 -11.51
C ALA C 78 18.85 -9.31 -12.06
N THR C 79 19.33 -9.56 -13.27
CA THR C 79 20.18 -8.60 -13.97
C THR C 79 19.32 -7.47 -14.51
N HIS C 80 19.96 -6.42 -15.01
CA HIS C 80 19.25 -5.26 -15.53
C HIS C 80 18.35 -5.65 -16.71
N GLN C 81 18.88 -6.45 -17.62
CA GLN C 81 18.16 -6.81 -18.84
C GLN C 81 17.02 -7.79 -18.55
N GLU C 82 17.21 -8.67 -17.58
CA GLU C 82 16.16 -9.59 -17.17
C GLU C 82 15.01 -8.83 -16.53
N ALA C 83 15.34 -7.74 -15.83
CA ALA C 83 14.34 -6.90 -15.20
C ALA C 83 13.55 -6.10 -16.24
N VAL C 84 14.26 -5.60 -17.24
CA VAL C 84 13.65 -4.81 -18.31
C VAL C 84 12.66 -5.65 -19.12
N SER C 85 13.05 -6.88 -19.45
CA SER C 85 12.22 -7.76 -20.26
C SER C 85 10.99 -8.25 -19.49
N ALA C 86 11.13 -8.40 -18.17
CA ALA C 86 10.01 -8.79 -17.33
C ALA C 86 8.96 -7.68 -17.27
N LEU C 87 9.43 -6.44 -17.40
CA LEU C 87 8.57 -5.27 -17.33
C LEU C 87 7.92 -4.95 -18.67
N LEU C 88 8.44 -5.53 -19.75
CA LEU C 88 7.95 -5.24 -21.10
C LEU C 88 7.09 -6.37 -21.64
N ARG C 89 7.11 -7.51 -20.95
CA ARG C 89 6.36 -8.69 -21.36
C ARG C 89 4.85 -8.43 -21.40
N PRO C 90 4.18 -8.89 -22.47
CA PRO C 90 2.73 -8.71 -22.63
C PRO C 90 1.92 -9.34 -21.50
N CYS C 91 1.21 -8.50 -20.75
CA CYS C 91 0.34 -8.98 -19.68
C CYS C 91 -0.92 -8.13 -19.62
N LEU C 92 -1.99 -8.69 -19.08
CA LEU C 92 -3.26 -7.98 -18.96
C LEU C 92 -3.13 -6.77 -18.04
N GLU C 93 -2.27 -6.90 -17.04
CA GLU C 93 -2.08 -5.88 -16.03
C GLU C 93 -0.68 -6.05 -15.43
N LEU C 94 0.02 -4.96 -15.19
CA LEU C 94 1.38 -5.05 -14.67
C LEU C 94 1.39 -5.01 -13.14
N SER C 95 1.89 -6.09 -12.55
CA SER C 95 1.95 -6.19 -11.09
C SER C 95 3.38 -6.01 -10.59
N LEU C 96 3.56 -5.04 -9.70
CA LEU C 96 4.88 -4.74 -9.15
C LEU C 96 4.91 -4.82 -7.63
N LEU C 97 5.58 -5.85 -7.10
CA LEU C 97 5.85 -5.89 -5.68
C LEU C 97 7.06 -5.01 -5.38
N VAL C 98 6.82 -3.86 -4.78
CA VAL C 98 7.89 -2.93 -4.48
C VAL C 98 8.05 -2.73 -2.97
N ARG C 99 9.28 -2.45 -2.55
CA ARG C 99 9.53 -2.06 -1.17
C ARG C 99 9.75 -0.56 -1.12
N ARG C 100 9.07 0.11 -0.19
CA ARG C 100 9.12 1.56 -0.11
C ARG C 100 10.45 2.07 0.47
N ASP C 101 11.54 1.75 -0.20
CA ASP C 101 12.85 2.27 0.16
C ASP C 101 12.89 3.77 -0.15
N PRO C 102 13.51 4.55 0.75
CA PRO C 102 13.49 6.01 0.61
C PRO C 102 14.32 6.50 -0.57
N ALA C 103 13.95 7.66 -1.10
CA ALA C 103 14.74 8.33 -2.13
C ALA C 103 16.08 8.74 -1.53
N PRO C 104 17.11 8.93 -2.39
CA PRO C 104 18.41 9.36 -1.86
C PRO C 104 18.33 10.70 -1.13
N PRO C 105 18.95 10.79 0.05
CA PRO C 105 18.88 11.97 0.94
C PRO C 105 19.27 13.27 0.25
N GLY C 106 18.47 14.31 0.49
CA GLY C 106 18.76 15.63 -0.03
C GLY C 106 18.52 15.78 -1.53
N LEU C 107 17.82 14.81 -2.12
CA LEU C 107 17.51 14.84 -3.55
C LEU C 107 16.71 16.09 -3.91
N ARG C 108 17.20 16.85 -4.87
CA ARG C 108 16.56 18.10 -5.26
C ARG C 108 17.01 18.60 -6.63
N GLU C 109 16.19 19.43 -7.25
CA GLU C 109 16.52 20.04 -8.53
C GLU C 109 17.03 21.46 -8.33
N LEU C 110 18.17 21.77 -8.92
CA LEU C 110 18.74 23.11 -8.82
C LEU C 110 18.74 23.83 -10.16
N CYS C 111 18.15 25.02 -10.19
CA CYS C 111 18.17 25.85 -11.38
C CYS C 111 19.19 26.98 -11.20
N ILE C 112 20.35 26.81 -11.82
CA ILE C 112 21.44 27.78 -11.68
C ILE C 112 21.59 28.61 -12.94
N GLN C 113 21.51 29.92 -12.79
CA GLN C 113 21.56 30.85 -13.92
C GLN C 113 22.98 31.32 -14.20
N LYS C 114 23.39 31.29 -15.47
CA LYS C 114 24.71 31.77 -15.86
C LYS C 114 24.61 33.08 -16.64
N ALA C 115 25.47 34.04 -16.32
CA ALA C 115 25.49 35.33 -17.01
C ALA C 115 26.28 35.20 -18.32
N PRO C 116 26.33 36.24 -19.17
CA PRO C 116 26.69 35.84 -20.54
C PRO C 116 28.14 35.44 -20.78
N GLY C 117 29.10 36.07 -20.10
CA GLY C 117 30.49 35.66 -20.19
C GLY C 117 30.84 34.77 -19.01
N GLU C 118 29.93 34.71 -18.04
CA GLU C 118 30.15 34.01 -16.79
C GLU C 118 30.34 32.52 -17.08
N ARG C 119 31.24 31.88 -16.36
CA ARG C 119 31.44 30.43 -16.51
C ARG C 119 30.98 29.72 -15.24
N LEU C 120 30.83 28.40 -15.32
CA LEU C 120 30.27 27.61 -14.22
C LEU C 120 31.18 27.62 -12.99
N GLY C 121 32.46 27.32 -13.20
CA GLY C 121 33.45 27.41 -12.14
C GLY C 121 33.47 26.24 -11.18
N ILE C 122 33.31 25.04 -11.71
CA ILE C 122 33.39 23.82 -10.90
C ILE C 122 34.26 22.77 -11.57
N SER C 123 34.68 21.78 -10.78
CA SER C 123 35.31 20.58 -11.31
C SER C 123 34.69 19.37 -10.63
N ILE C 124 34.64 18.24 -11.33
CA ILE C 124 34.00 17.05 -10.79
C ILE C 124 34.95 15.86 -10.72
N ARG C 125 34.63 14.92 -9.84
CA ARG C 125 35.44 13.72 -9.66
C ARG C 125 34.59 12.46 -9.76
N GLY C 126 35.24 11.33 -9.96
CA GLY C 126 34.55 10.06 -10.03
C GLY C 126 34.09 9.69 -11.43
N GLY C 127 33.06 8.86 -11.52
CA GLY C 127 32.55 8.39 -12.79
C GLY C 127 32.92 6.95 -13.05
N ALA C 128 32.31 6.36 -14.08
CA ALA C 128 32.61 4.99 -14.45
C ALA C 128 34.07 4.83 -14.85
N ARG C 129 34.76 3.94 -14.16
CA ARG C 129 36.14 3.58 -14.46
C ARG C 129 37.05 4.74 -14.25
N GLY C 130 36.93 5.36 -13.10
CA GLY C 130 37.71 6.53 -12.80
C GLY C 130 38.35 6.38 -11.46
N HIS C 131 38.79 7.50 -10.91
CA HIS C 131 39.56 7.50 -9.72
C HIS C 131 38.72 7.97 -8.57
N ALA C 132 38.12 7.03 -7.86
CA ALA C 132 37.35 7.36 -6.68
C ALA C 132 36.29 8.32 -7.03
N GLY C 133 36.12 9.29 -6.16
CA GLY C 133 35.07 10.25 -6.26
C GLY C 133 34.63 10.29 -4.84
N ASN C 134 34.41 9.10 -4.32
CA ASN C 134 33.90 8.91 -2.98
C ASN C 134 34.90 8.30 -2.04
N PRO C 135 35.41 9.10 -1.14
CA PRO C 135 36.31 8.60 -0.11
C PRO C 135 35.75 7.43 0.69
N ARG C 136 34.49 7.55 1.12
CA ARG C 136 33.90 6.59 2.04
C ARG C 136 33.38 5.31 1.37
N ASP C 137 33.63 5.17 0.06
CA ASP C 137 33.20 3.98 -0.67
C ASP C 137 33.88 3.89 -2.04
N PRO C 138 34.63 2.79 -2.29
CA PRO C 138 35.28 2.55 -3.58
C PRO C 138 34.36 1.84 -4.58
N THR C 139 33.19 1.40 -4.13
CA THR C 139 32.21 0.85 -5.06
C THR C 139 31.53 1.97 -5.83
N ASP C 140 31.63 3.19 -5.31
CA ASP C 140 30.84 4.29 -5.83
C ASP C 140 31.43 4.87 -7.10
N GLU C 141 30.76 4.61 -8.22
CA GLU C 141 31.19 5.13 -9.51
C GLU C 141 30.51 6.45 -9.83
N GLY C 142 30.02 7.13 -8.80
CA GLY C 142 29.23 8.34 -8.98
C GLY C 142 30.02 9.60 -9.32
N ILE C 143 29.28 10.59 -9.82
CA ILE C 143 29.87 11.90 -10.12
C ILE C 143 29.65 12.85 -8.94
N PHE C 144 30.74 13.44 -8.46
CA PHE C 144 30.66 14.37 -7.34
C PHE C 144 31.31 15.72 -7.67
N ILE C 145 30.87 16.76 -6.98
CA ILE C 145 31.55 18.04 -7.06
C ILE C 145 32.86 17.96 -6.27
N SER C 146 33.96 18.34 -6.90
CA SER C 146 35.27 18.27 -6.26
C SER C 146 35.76 19.64 -5.83
N LYS C 147 35.56 20.63 -6.69
CA LYS C 147 35.91 22.02 -6.37
C LYS C 147 34.85 22.99 -6.83
N VAL C 148 34.70 24.09 -6.09
CA VAL C 148 33.86 25.20 -6.52
C VAL C 148 34.64 26.51 -6.44
N SER C 149 34.56 27.31 -7.50
CA SER C 149 35.21 28.61 -7.52
C SER C 149 34.25 29.68 -7.02
N PRO C 150 34.71 30.55 -6.11
CA PRO C 150 33.87 31.58 -5.50
C PRO C 150 33.39 32.63 -6.49
N THR C 151 34.15 32.83 -7.58
CA THR C 151 33.81 33.85 -8.56
C THR C 151 33.03 33.27 -9.74
N GLY C 152 32.71 31.99 -9.67
CA GLY C 152 31.96 31.32 -10.73
C GLY C 152 30.46 31.35 -10.53
N ALA C 153 29.74 30.76 -11.47
CA ALA C 153 28.29 30.70 -11.43
C ALA C 153 27.80 29.93 -10.22
N ALA C 154 28.40 28.77 -9.98
CA ALA C 154 28.07 27.95 -8.81
C ALA C 154 28.48 28.64 -7.51
N GLY C 155 29.53 29.44 -7.60
CA GLY C 155 30.02 30.19 -6.46
C GLY C 155 29.03 31.24 -5.99
N ARG C 156 28.57 32.07 -6.91
CA ARG C 156 27.59 33.11 -6.61
CA ARG C 156 27.61 33.12 -6.58
C ARG C 156 26.29 32.51 -6.11
N ASP C 157 25.83 31.48 -6.80
CA ASP C 157 24.58 30.80 -6.48
C ASP C 157 24.65 30.22 -5.06
N GLY C 158 25.83 29.72 -4.69
CA GLY C 158 26.09 29.28 -3.33
C GLY C 158 25.52 27.93 -2.96
N ARG C 159 24.57 27.43 -3.74
CA ARG C 159 23.91 26.17 -3.42
C ARG C 159 24.79 24.96 -3.75
N LEU C 160 25.42 24.97 -4.92
CA LEU C 160 26.32 23.89 -5.30
C LEU C 160 27.53 23.83 -4.38
N ARG C 161 27.71 22.69 -3.71
CA ARG C 161 28.81 22.52 -2.78
C ARG C 161 29.64 21.29 -3.07
N VAL C 162 30.88 21.31 -2.62
CA VAL C 162 31.79 20.17 -2.77
C VAL C 162 31.24 18.96 -2.03
N GLY C 163 31.34 17.78 -2.65
CA GLY C 163 30.87 16.56 -2.05
C GLY C 163 29.51 16.14 -2.59
N LEU C 164 28.77 17.11 -3.13
CA LEU C 164 27.45 16.85 -3.69
C LEU C 164 27.51 15.85 -4.84
N ARG C 165 26.52 14.96 -4.90
CA ARG C 165 26.43 14.01 -6.01
C ARG C 165 25.57 14.57 -7.14
N LEU C 166 26.08 14.49 -8.35
CA LEU C 166 25.33 14.95 -9.52
C LEU C 166 24.63 13.77 -10.18
N LEU C 167 23.31 13.88 -10.33
CA LEU C 167 22.51 12.78 -10.86
C LEU C 167 22.14 12.98 -12.33
N GLU C 168 21.70 14.18 -12.68
CA GLU C 168 21.41 14.48 -14.08
C GLU C 168 21.58 15.97 -14.39
N VAL C 169 21.95 16.25 -15.63
CA VAL C 169 22.21 17.62 -16.08
C VAL C 169 21.39 17.94 -17.31
N ASN C 170 20.51 18.94 -17.19
CA ASN C 170 19.58 19.30 -18.25
C ASN C 170 18.82 18.08 -18.77
N GLN C 171 18.15 17.40 -17.84
CA GLN C 171 17.28 16.24 -18.13
C GLN C 171 18.05 14.98 -18.57
N GLN C 172 19.35 15.10 -18.77
CA GLN C 172 20.17 13.97 -19.19
C GLN C 172 20.81 13.26 -17.99
N SER C 173 20.52 11.97 -17.84
CA SER C 173 21.04 11.18 -16.73
C SER C 173 22.56 11.06 -16.79
N LEU C 174 23.22 11.32 -15.66
CA LEU C 174 24.67 11.21 -15.56
C LEU C 174 25.09 9.82 -15.10
N LEU C 175 24.10 9.02 -14.69
CA LEU C 175 24.37 7.70 -14.13
C LEU C 175 24.99 6.75 -15.15
N GLY C 176 26.09 6.12 -14.76
CA GLY C 176 26.77 5.17 -15.62
C GLY C 176 27.67 5.81 -16.65
N LEU C 177 27.87 7.13 -16.53
CA LEU C 177 28.71 7.86 -17.47
C LEU C 177 30.13 8.00 -16.95
N THR C 178 31.08 8.15 -17.87
CA THR C 178 32.47 8.39 -17.50
C THR C 178 32.65 9.84 -17.09
N HIS C 179 33.78 10.13 -16.45
CA HIS C 179 34.10 11.49 -16.03
C HIS C 179 34.14 12.43 -17.22
N GLY C 180 34.72 11.96 -18.33
CA GLY C 180 34.81 12.75 -19.54
C GLY C 180 33.47 13.03 -20.18
N GLU C 181 32.57 12.05 -20.12
CA GLU C 181 31.23 12.20 -20.68
C GLU C 181 30.40 13.21 -19.89
N ALA C 182 30.56 13.19 -18.57
CA ALA C 182 29.82 14.10 -17.69
C ALA C 182 30.30 15.54 -17.90
N VAL C 183 31.60 15.72 -18.07
CA VAL C 183 32.18 17.04 -18.27
C VAL C 183 31.67 17.66 -19.58
N GLN C 184 31.60 16.85 -20.62
CA GLN C 184 31.12 17.31 -21.93
C GLN C 184 29.64 17.70 -21.86
N LEU C 185 28.89 17.04 -20.99
CA LEU C 185 27.50 17.41 -20.76
C LEU C 185 27.41 18.76 -20.04
N LEU C 186 28.24 18.90 -19.01
CA LEU C 186 28.25 20.12 -18.20
C LEU C 186 28.76 21.34 -18.98
N ARG C 187 29.62 21.10 -19.98
CA ARG C 187 30.22 22.18 -20.74
C ARG C 187 29.31 22.69 -21.86
N SER C 188 28.39 21.85 -22.31
CA SER C 188 27.47 22.22 -23.37
C SER C 188 26.05 22.42 -22.83
N VAL C 189 25.94 23.16 -21.74
CA VAL C 189 24.68 23.27 -21.02
C VAL C 189 23.81 24.46 -21.48
N GLY C 190 24.44 25.59 -21.76
CA GLY C 190 23.71 26.78 -22.14
C GLY C 190 23.79 27.84 -21.06
N ASP C 191 22.79 28.72 -20.99
CA ASP C 191 22.79 29.79 -20.00
C ASP C 191 22.12 29.38 -18.69
N THR C 192 21.28 28.35 -18.76
CA THR C 192 20.56 27.87 -17.58
C THR C 192 20.90 26.42 -17.27
N LEU C 193 21.68 26.21 -16.22
CA LEU C 193 22.02 24.87 -15.77
C LEU C 193 20.98 24.34 -14.79
N THR C 194 20.15 23.41 -15.26
CA THR C 194 19.23 22.70 -14.38
C THR C 194 19.82 21.34 -14.06
N VAL C 195 20.12 21.12 -12.79
CA VAL C 195 20.81 19.91 -12.38
C VAL C 195 20.11 19.24 -11.19
N LEU C 196 20.01 17.91 -11.26
CA LEU C 196 19.44 17.15 -10.16
C LEU C 196 20.57 16.64 -9.26
N VAL C 197 20.59 17.10 -8.02
CA VAL C 197 21.67 16.74 -7.12
C VAL C 197 21.20 15.92 -5.93
N CYS C 198 22.17 15.43 -5.16
CA CYS C 198 21.93 14.53 -4.04
C CYS C 198 23.14 14.54 -3.12
N ASP C 199 22.93 14.26 -1.84
CA ASP C 199 24.01 14.26 -0.87
C ASP C 199 25.05 13.18 -1.22
N GLY C 200 26.33 13.52 -1.03
CA GLY C 200 27.40 12.61 -1.36
C GLY C 200 28.35 12.36 -0.20
N PHE C 201 29.21 13.32 0.09
CA PHE C 201 30.15 13.20 1.20
C PHE C 201 30.57 14.56 1.74
N GLU C 202 31.63 14.56 2.56
CA GLU C 202 32.10 15.79 3.18
C GLU C 202 33.49 16.17 2.67
N SER D 1 24.23 5.19 -21.35
CA SER D 1 22.93 5.15 -22.01
C SER D 1 22.17 3.88 -21.65
N TRP D 2 22.90 2.85 -21.25
CA TRP D 2 22.32 1.53 -20.99
C TRP D 2 22.35 1.21 -19.50
N PHE D 3 22.63 2.22 -18.69
CA PHE D 3 22.70 2.03 -17.24
C PHE D 3 21.35 2.33 -16.60
N GLN D 4 20.65 3.32 -17.15
CA GLN D 4 19.29 3.63 -16.72
C GLN D 4 18.34 3.50 -17.90
N THR D 5 17.24 2.78 -17.70
CA THR D 5 16.29 2.50 -18.78
C THR D 5 14.95 3.19 -18.55
N ASP D 6 14.51 3.95 -19.54
CA ASP D 6 13.23 4.65 -19.47
C ASP D 6 12.10 3.81 -20.05
N LEU D 7 11.10 3.50 -19.23
CA LEU D 7 9.95 2.72 -19.66
C LEU D 7 8.68 3.56 -19.70
#